data_8ANR
#
_entry.id   8ANR
#
_cell.length_a   70.691
_cell.length_b   70.691
_cell.length_c   103.398
_cell.angle_alpha   90.000
_cell.angle_beta   90.000
_cell.angle_gamma   90.000
#
_symmetry.space_group_name_H-M   'P 42 21 2'
#
loop_
_entity.id
_entity.type
_entity.pdbx_description
1 polymer 'Fucose-binding lectin PA-IIL'
2 polymer 'Fucosylated mixed-chirality linear peptide FHP30'
3 non-polymer 'CALCIUM ION'
4 non-polymer '3,7-anhydro-2,8-dideoxy-L-glycero-D-gluco-octonic acid'
5 water water
#
loop_
_entity_poly.entity_id
_entity_poly.type
_entity_poly.pdbx_seq_one_letter_code
_entity_poly.pdbx_strand_id
1 'polypeptide(L)'
;ATQGVFTLPANTRFGVTAFANSSGTQTVNVLVNNETAATFSGQSTNNAVIGTQVLNSGSSGKVQVQVSVNGRPSDLVSAQ
VILTNELNFALVGSEDGTDNDYNDAVVVINWPLG
;
A,B
2 'polypeptide(L)' K(DLY)L(DLE)K(DLE)L(DLY)L(DLE)L(NH2) C,D
#
loop_
_chem_comp.id
_chem_comp.type
_chem_comp.name
_chem_comp.formula
CA non-polymer 'CALCIUM ION' 'Ca 2'
NH2 non-polymer 'AMINO GROUP' 'H2 N'
ZDC D-saccharide '3,7-anhydro-2,8-dideoxy-L-glycero-D-gluco-octonic acid' 'C8 H14 O6'
#
# COMPACT_ATOMS: atom_id res chain seq x y z
N ALA A 1 -17.03 -22.98 -9.12
CA ALA A 1 -17.71 -22.11 -8.17
C ALA A 1 -16.99 -20.78 -8.03
N THR A 2 -17.76 -19.74 -7.66
CA THR A 2 -17.18 -18.44 -7.36
C THR A 2 -16.14 -18.58 -6.26
N GLN A 3 -15.02 -17.87 -6.42
CA GLN A 3 -13.95 -17.83 -5.42
C GLN A 3 -13.54 -16.39 -5.17
N GLY A 4 -12.98 -16.14 -3.99
CA GLY A 4 -12.50 -14.81 -3.65
C GLY A 4 -13.55 -13.82 -3.19
N VAL A 5 -14.77 -14.28 -2.91
CA VAL A 5 -15.85 -13.43 -2.41
C VAL A 5 -16.19 -13.89 -0.99
N PHE A 6 -16.26 -12.94 -0.06
CA PHE A 6 -16.49 -13.25 1.34
C PHE A 6 -17.49 -12.26 1.92
N THR A 7 -18.41 -12.75 2.75
CA THR A 7 -19.32 -11.91 3.50
C THR A 7 -18.74 -11.69 4.89
N LEU A 8 -18.37 -10.46 5.17
CA LEU A 8 -17.88 -10.04 6.47
C LEU A 8 -19.02 -9.45 7.27
N PRO A 9 -18.89 -9.36 8.60
CA PRO A 9 -19.85 -8.57 9.36
C PRO A 9 -19.82 -7.12 8.88
N ALA A 10 -20.97 -6.46 8.96
CA ALA A 10 -21.09 -5.10 8.44
C ALA A 10 -20.25 -4.12 9.26
N ASN A 11 -19.78 -3.07 8.58
CA ASN A 11 -19.09 -1.94 9.20
C ASN A 11 -18.02 -2.40 10.18
N THR A 12 -17.17 -3.30 9.71
CA THR A 12 -16.12 -3.90 10.53
C THR A 12 -14.76 -3.67 9.87
N ARG A 13 -13.80 -3.22 10.66
CA ARG A 13 -12.44 -3.10 10.15
C ARG A 13 -11.83 -4.48 9.93
N PHE A 14 -11.17 -4.65 8.80
CA PHE A 14 -10.45 -5.90 8.52
C PHE A 14 -9.10 -5.56 7.90
N GLY A 15 -8.16 -6.50 8.04
CA GLY A 15 -6.87 -6.39 7.40
C GLY A 15 -6.86 -7.19 6.12
N VAL A 16 -6.19 -6.66 5.08
CA VAL A 16 -5.97 -7.41 3.86
C VAL A 16 -4.51 -7.26 3.47
N THR A 17 -3.86 -8.38 3.19
CA THR A 17 -2.43 -8.44 2.95
C THR A 17 -2.19 -9.34 1.75
N ALA A 18 -1.30 -8.92 0.85
CA ALA A 18 -1.00 -9.69 -0.35
C ALA A 18 0.48 -10.01 -0.43
N PHE A 19 0.77 -11.26 -0.82
CA PHE A 19 2.11 -11.78 -1.03
C PHE A 19 2.27 -12.17 -2.49
N ALA A 20 3.48 -12.03 -3.02
CA ALA A 20 3.74 -12.36 -4.42
C ALA A 20 4.80 -13.46 -4.52
N ASN A 21 4.55 -14.42 -5.44
CA ASN A 21 5.46 -15.54 -5.72
C ASN A 21 5.38 -15.85 -7.22
N SER A 22 5.96 -14.98 -8.06
CA SER A 22 5.81 -15.14 -9.50
C SER A 22 6.77 -14.21 -10.21
N SER A 23 7.17 -14.60 -11.42
CA SER A 23 7.94 -13.69 -12.26
C SER A 23 7.08 -12.51 -12.71
N GLY A 24 5.76 -12.70 -12.77
CA GLY A 24 4.86 -11.65 -13.23
C GLY A 24 4.47 -10.69 -12.13
N THR A 25 4.35 -9.41 -12.49
CA THR A 25 3.85 -8.41 -11.57
C THR A 25 2.39 -8.68 -11.24
N GLN A 26 2.08 -8.77 -9.95
CA GLN A 26 0.75 -9.08 -9.48
C GLN A 26 -0.01 -7.80 -9.16
N THR A 27 -1.27 -7.72 -9.61
CA THR A 27 -2.16 -6.63 -9.24
C THR A 27 -3.35 -7.22 -8.50
N VAL A 28 -3.56 -6.77 -7.27
CA VAL A 28 -4.62 -7.27 -6.41
C VAL A 28 -5.58 -6.13 -6.16
N ASN A 29 -6.84 -6.32 -6.53
CA ASN A 29 -7.89 -5.35 -6.25
C ASN A 29 -8.79 -5.90 -5.16
N VAL A 30 -9.03 -5.10 -4.13
CA VAL A 30 -9.93 -5.45 -3.05
C VAL A 30 -11.16 -4.57 -3.20
N LEU A 31 -12.30 -5.21 -3.49
CA LEU A 31 -13.56 -4.52 -3.68
C LEU A 31 -14.42 -4.69 -2.44
N VAL A 32 -15.01 -3.59 -1.97
CA VAL A 32 -15.97 -3.61 -0.89
C VAL A 32 -17.27 -3.07 -1.45
N ASN A 33 -18.32 -3.89 -1.42
CA ASN A 33 -19.61 -3.49 -1.98
C ASN A 33 -19.44 -3.01 -3.43
N ASN A 34 -18.59 -3.73 -4.17
CA ASN A 34 -18.29 -3.52 -5.59
C ASN A 34 -17.54 -2.22 -5.87
N GLU A 35 -17.05 -1.53 -4.84
CA GLU A 35 -16.18 -0.37 -5.03
C GLU A 35 -14.75 -0.77 -4.73
N THR A 36 -13.81 -0.20 -5.48
CA THR A 36 -12.41 -0.54 -5.28
C THR A 36 -11.89 0.19 -4.04
N ALA A 37 -11.66 -0.58 -2.98
CA ALA A 37 -11.18 -0.05 -1.71
C ALA A 37 -9.65 0.01 -1.66
N ALA A 38 -8.97 -0.93 -2.30
CA ALA A 38 -7.52 -0.91 -2.32
C ALA A 38 -7.05 -1.62 -3.58
N THR A 39 -5.92 -1.14 -4.11
CA THR A 39 -5.20 -1.84 -5.18
C THR A 39 -3.76 -2.04 -4.72
N PHE A 40 -3.33 -3.29 -4.67
CA PHE A 40 -1.94 -3.64 -4.42
C PHE A 40 -1.27 -3.98 -5.73
N SER A 41 0.03 -3.68 -5.82
CA SER A 41 0.80 -4.12 -6.98
C SER A 41 2.25 -4.34 -6.57
N GLY A 42 2.86 -5.40 -7.10
CA GLY A 42 4.25 -5.69 -6.80
C GLY A 42 4.71 -6.95 -7.51
N GLN A 43 6.01 -7.18 -7.44
CA GLN A 43 6.62 -8.35 -8.05
C GLN A 43 7.61 -8.96 -7.06
N SER A 44 7.51 -10.26 -6.85
CA SER A 44 8.43 -10.97 -5.98
C SER A 44 8.34 -12.45 -6.31
N THR A 45 9.47 -13.15 -6.25
CA THR A 45 9.47 -14.60 -6.20
C THR A 45 9.84 -15.12 -4.83
N ASN A 46 9.83 -14.26 -3.81
CA ASN A 46 10.22 -14.61 -2.45
C ASN A 46 9.16 -14.14 -1.45
N ASN A 47 7.88 -14.22 -1.84
CA ASN A 47 6.77 -14.02 -0.90
C ASN A 47 6.76 -12.63 -0.28
N ALA A 48 7.24 -11.62 -1.02
CA ALA A 48 7.25 -10.27 -0.45
C ALA A 48 5.83 -9.80 -0.21
N VAL A 49 5.62 -9.06 0.87
CA VAL A 49 4.36 -8.38 1.11
C VAL A 49 4.28 -7.20 0.14
N ILE A 50 3.46 -7.35 -0.91
CA ILE A 50 3.34 -6.27 -1.89
C ILE A 50 2.32 -5.23 -1.44
N GLY A 51 1.54 -5.53 -0.41
CA GLY A 51 0.70 -4.52 0.21
C GLY A 51 0.00 -5.06 1.43
N THR A 52 -0.27 -4.18 2.39
CA THR A 52 -1.12 -4.52 3.53
C THR A 52 -1.90 -3.26 3.92
N GLN A 53 -3.17 -3.44 4.25
CA GLN A 53 -4.06 -2.30 4.47
C GLN A 53 -5.19 -2.68 5.42
N VAL A 54 -5.57 -1.74 6.28
CA VAL A 54 -6.80 -1.85 7.06
C VAL A 54 -7.92 -1.19 6.27
N LEU A 55 -9.01 -1.92 6.09
CA LEU A 55 -10.16 -1.45 5.33
C LEU A 55 -11.41 -1.61 6.20
N ASN A 56 -12.55 -1.15 5.68
CA ASN A 56 -13.83 -1.24 6.36
C ASN A 56 -14.81 -1.97 5.47
N SER A 57 -15.54 -2.94 6.03
CA SER A 57 -16.43 -3.77 5.23
C SER A 57 -17.69 -3.06 4.78
N GLY A 58 -17.99 -1.89 5.32
CA GLY A 58 -19.16 -1.14 4.89
C GLY A 58 -20.47 -1.81 5.27
N SER A 59 -21.56 -1.19 4.82
CA SER A 59 -22.89 -1.60 5.26
C SER A 59 -23.26 -3.01 4.80
N SER A 60 -22.67 -3.47 3.70
CA SER A 60 -23.05 -4.77 3.12
C SER A 60 -22.14 -5.91 3.59
N GLY A 61 -20.90 -5.61 3.97
CA GLY A 61 -19.95 -6.65 4.31
C GLY A 61 -19.39 -7.44 3.14
N LYS A 62 -19.76 -7.09 1.91
CA LYS A 62 -19.32 -7.86 0.75
C LYS A 62 -17.90 -7.47 0.36
N VAL A 63 -16.98 -8.42 0.41
CA VAL A 63 -15.59 -8.19 0.06
C VAL A 63 -15.22 -9.17 -1.06
N GLN A 64 -14.61 -8.64 -2.12
CA GLN A 64 -14.18 -9.47 -3.23
C GLN A 64 -12.73 -9.17 -3.55
N VAL A 65 -11.94 -10.23 -3.69
CA VAL A 65 -10.53 -10.14 -4.09
C VAL A 65 -10.42 -10.54 -5.55
N GLN A 66 -9.81 -9.66 -6.35
CA GLN A 66 -9.48 -9.95 -7.74
C GLN A 66 -7.97 -9.87 -7.92
N VAL A 67 -7.43 -10.79 -8.71
CA VAL A 67 -5.99 -10.83 -8.99
C VAL A 67 -5.80 -10.87 -10.50
N SER A 68 -4.86 -10.04 -11.00
CA SER A 68 -4.56 -10.01 -12.41
C SER A 68 -3.07 -9.79 -12.62
N VAL A 69 -2.59 -10.25 -13.76
CA VAL A 69 -1.19 -10.10 -14.17
C VAL A 69 -1.17 -9.51 -15.56
N ASN A 70 -0.61 -8.31 -15.70
CA ASN A 70 -0.55 -7.62 -16.98
C ASN A 70 -1.94 -7.53 -17.63
N GLY A 71 -2.97 -7.40 -16.79
CA GLY A 71 -4.33 -7.26 -17.26
C GLY A 71 -5.11 -8.56 -17.37
N ARG A 72 -4.48 -9.71 -17.12
CA ARG A 72 -5.14 -10.99 -17.31
C ARG A 72 -5.57 -11.55 -15.97
N PRO A 73 -6.87 -11.83 -15.77
CA PRO A 73 -7.32 -12.36 -14.47
C PRO A 73 -6.73 -13.73 -14.19
N SER A 74 -6.29 -13.91 -12.94
CA SER A 74 -5.77 -15.18 -12.47
C SER A 74 -6.91 -16.08 -12.01
N ASP A 75 -6.66 -17.40 -12.03
CA ASP A 75 -7.60 -18.37 -11.47
C ASP A 75 -7.46 -18.37 -9.96
N LEU A 76 -8.58 -18.28 -9.25
CA LEU A 76 -8.57 -18.13 -7.80
C LEU A 76 -9.02 -19.40 -7.09
N VAL A 77 -8.44 -19.65 -5.93
CA VAL A 77 -8.96 -20.60 -4.95
C VAL A 77 -9.12 -19.85 -3.64
N SER A 78 -10.10 -20.25 -2.83
CA SER A 78 -10.35 -19.49 -1.62
C SER A 78 -11.12 -20.34 -0.61
N ALA A 79 -11.04 -19.89 0.64
CA ALA A 79 -11.87 -20.45 1.71
C ALA A 79 -11.80 -19.49 2.89
N GLN A 80 -12.76 -19.65 3.81
CA GLN A 80 -12.75 -18.92 5.07
C GLN A 80 -12.61 -19.91 6.22
N VAL A 81 -11.81 -19.56 7.21
CA VAL A 81 -11.62 -20.39 8.40
C VAL A 81 -11.85 -19.52 9.63
N ILE A 82 -12.54 -20.08 10.63
CA ILE A 82 -12.84 -19.38 11.88
C ILE A 82 -12.31 -20.22 13.04
N LEU A 83 -11.48 -19.61 13.87
CA LEU A 83 -10.92 -20.25 15.05
C LEU A 83 -11.58 -19.70 16.31
N THR A 84 -11.79 -20.60 17.27
CA THR A 84 -12.52 -20.36 18.52
C THR A 84 -13.73 -19.44 18.34
N ASN A 85 -14.44 -19.62 17.22
CA ASN A 85 -15.70 -18.94 16.91
C ASN A 85 -15.55 -17.43 16.92
N GLU A 86 -14.35 -16.91 16.69
CA GLU A 86 -14.09 -15.49 16.88
C GLU A 86 -13.11 -14.92 15.87
N LEU A 87 -12.06 -15.69 15.56
CA LEU A 87 -10.93 -15.20 14.77
C LEU A 87 -11.10 -15.70 13.34
N ASN A 88 -11.18 -14.76 12.39
CA ASN A 88 -11.56 -15.06 11.02
C ASN A 88 -10.39 -14.85 10.07
N PHE A 89 -10.18 -15.81 9.19
CA PHE A 89 -9.25 -15.69 8.07
C PHE A 89 -10.02 -15.97 6.78
N ALA A 90 -9.93 -15.06 5.82
CA ALA A 90 -10.40 -15.30 4.46
C ALA A 90 -9.16 -15.41 3.58
N LEU A 91 -9.03 -16.54 2.91
CA LEU A 91 -7.79 -16.93 2.25
C LEU A 91 -7.98 -17.01 0.74
N VAL A 92 -7.02 -16.48 -0.02
CA VAL A 92 -7.07 -16.54 -1.48
C VAL A 92 -5.71 -16.97 -2.02
N GLY A 93 -5.72 -17.93 -2.93
CA GLY A 93 -4.55 -18.19 -3.75
C GLY A 93 -4.89 -17.95 -5.20
N SER A 94 -3.87 -17.80 -6.04
CA SER A 94 -4.15 -17.46 -7.42
C SER A 94 -3.06 -18.03 -8.32
N GLU A 95 -3.45 -18.38 -9.53
CA GLU A 95 -2.54 -18.97 -10.51
C GLU A 95 -2.56 -18.11 -11.76
N ASP A 96 -1.39 -17.60 -12.15
CA ASP A 96 -1.28 -16.77 -13.34
C ASP A 96 -0.73 -17.52 -14.54
N GLY A 97 -0.45 -18.82 -14.40
CA GLY A 97 0.23 -19.54 -15.45
C GLY A 97 -0.16 -21.00 -15.53
N THR A 98 0.85 -21.86 -15.66
CA THR A 98 0.64 -23.26 -16.01
C THR A 98 1.09 -24.25 -14.95
N ASP A 99 1.85 -23.83 -13.93
CA ASP A 99 2.42 -24.81 -13.01
C ASP A 99 1.50 -25.14 -11.83
N ASN A 100 0.40 -24.40 -11.69
CA ASN A 100 -0.63 -24.68 -10.68
C ASN A 100 -0.08 -24.74 -9.26
N ASP A 101 0.85 -23.84 -8.93
CA ASP A 101 1.23 -23.71 -7.53
C ASP A 101 0.28 -22.77 -6.77
N TYR A 102 -0.51 -21.97 -7.48
CA TYR A 102 -1.59 -21.16 -6.89
C TYR A 102 -1.09 -20.24 -5.78
N ASN A 103 0.19 -19.86 -5.83
CA ASN A 103 0.78 -18.94 -4.86
C ASN A 103 1.20 -17.63 -5.50
N ASP A 104 0.85 -17.41 -6.77
CA ASP A 104 1.43 -16.30 -7.53
C ASP A 104 1.08 -14.97 -6.90
N ALA A 105 -0.17 -14.81 -6.48
CA ALA A 105 -0.55 -13.85 -5.47
C ALA A 105 -1.32 -14.60 -4.40
N VAL A 106 -0.91 -14.43 -3.14
CA VAL A 106 -1.62 -15.00 -1.99
C VAL A 106 -2.18 -13.83 -1.20
N VAL A 107 -3.46 -13.89 -0.86
CA VAL A 107 -4.13 -12.80 -0.16
C VAL A 107 -4.75 -13.33 1.13
N VAL A 108 -4.46 -12.66 2.24
CA VAL A 108 -5.00 -13.04 3.54
C VAL A 108 -5.82 -11.87 4.06
N ILE A 109 -7.08 -12.14 4.39
CA ILE A 109 -7.95 -11.17 5.04
C ILE A 109 -8.19 -11.66 6.46
N ASN A 110 -8.04 -10.77 7.44
CA ASN A 110 -8.25 -11.19 8.82
C ASN A 110 -9.07 -10.16 9.60
N TRP A 111 -9.94 -10.66 10.47
CA TRP A 111 -10.70 -9.81 11.38
C TRP A 111 -11.11 -10.66 12.58
N PRO A 112 -11.48 -10.03 13.70
CA PRO A 112 -11.47 -8.59 13.99
C PRO A 112 -10.08 -8.03 14.21
N LEU A 113 -9.97 -6.71 14.16
CA LEU A 113 -8.73 -6.00 14.46
C LEU A 113 -8.83 -5.32 15.83
N GLY A 114 -7.71 -4.73 16.24
CA GLY A 114 -7.70 -3.89 17.43
C GLY A 114 -7.39 -4.60 18.74
N ALA B 1 9.50 28.18 2.84
CA ALA B 1 9.73 27.62 1.51
C ALA B 1 8.90 26.38 1.28
N THR B 2 8.60 26.12 0.01
CA THR B 2 7.92 24.89 -0.35
C THR B 2 8.71 23.68 0.11
N GLN B 3 8.01 22.70 0.67
CA GLN B 3 8.63 21.45 1.09
C GLN B 3 7.85 20.28 0.52
N GLY B 4 8.53 19.14 0.40
CA GLY B 4 7.89 17.93 -0.07
C GLY B 4 7.75 17.81 -1.58
N VAL B 5 8.39 18.68 -2.35
CA VAL B 5 8.37 18.61 -3.81
C VAL B 5 9.77 18.29 -4.30
N PHE B 6 9.88 17.31 -5.19
CA PHE B 6 11.16 16.85 -5.70
C PHE B 6 11.09 16.69 -7.21
N THR B 7 12.16 17.09 -7.89
CA THR B 7 12.29 16.85 -9.32
C THR B 7 13.17 15.62 -9.51
N LEU B 8 12.57 14.54 -9.96
CA LEU B 8 13.27 13.33 -10.31
C LEU B 8 13.62 13.34 -11.79
N PRO B 9 14.58 12.52 -12.21
CA PRO B 9 14.74 12.30 -13.65
C PRO B 9 13.45 11.73 -14.22
N ALA B 10 13.14 12.12 -15.46
CA ALA B 10 11.87 11.74 -16.05
C ALA B 10 11.81 10.24 -16.27
N ASN B 11 10.59 9.69 -16.21
CA ASN B 11 10.32 8.31 -16.62
C ASN B 11 11.23 7.33 -15.88
N THR B 12 11.39 7.54 -14.57
CA THR B 12 12.28 6.76 -13.75
C THR B 12 11.49 6.11 -12.62
N ARG B 13 11.70 4.82 -12.41
CA ARG B 13 11.07 4.14 -11.29
C ARG B 13 11.73 4.56 -9.97
N PHE B 14 10.90 4.77 -8.95
CA PHE B 14 11.38 5.14 -7.63
C PHE B 14 10.51 4.46 -6.58
N GLY B 15 11.07 4.25 -5.39
CA GLY B 15 10.33 3.71 -4.27
C GLY B 15 9.85 4.86 -3.38
N VAL B 16 8.65 4.71 -2.83
CA VAL B 16 8.13 5.63 -1.84
C VAL B 16 7.59 4.83 -0.66
N THR B 17 8.06 5.17 0.54
CA THR B 17 7.75 4.44 1.76
C THR B 17 7.37 5.42 2.85
N ALA B 18 6.28 5.15 3.56
CA ALA B 18 5.77 6.03 4.61
C ALA B 18 5.77 5.30 5.94
N PHE B 19 6.28 5.98 6.98
CA PHE B 19 6.31 5.52 8.36
C PHE B 19 5.45 6.43 9.22
N ALA B 20 4.80 5.87 10.24
CA ALA B 20 3.92 6.64 11.11
C ALA B 20 4.41 6.61 12.56
N ASN B 21 4.34 7.76 13.23
CA ASN B 21 4.78 7.95 14.63
C ASN B 21 3.87 8.99 15.28
N SER B 22 2.60 8.66 15.48
CA SER B 22 1.66 9.62 16.06
C SER B 22 0.39 8.89 16.48
N SER B 23 -0.30 9.47 17.45
CA SER B 23 -1.62 8.97 17.81
C SER B 23 -2.64 9.25 16.71
N GLY B 24 -2.38 10.22 15.84
CA GLY B 24 -3.31 10.53 14.76
C GLY B 24 -3.08 9.66 13.54
N THR B 25 -4.18 9.38 12.83
CA THR B 25 -4.10 8.62 11.59
C THR B 25 -3.50 9.48 10.49
N GLN B 26 -2.43 8.98 9.86
CA GLN B 26 -1.72 9.71 8.82
C GLN B 26 -2.22 9.30 7.44
N THR B 27 -2.54 10.29 6.62
CA THR B 27 -2.89 10.06 5.23
C THR B 27 -1.83 10.71 4.35
N VAL B 28 -1.18 9.90 3.53
CA VAL B 28 -0.06 10.35 2.71
C VAL B 28 -0.50 10.25 1.26
N ASN B 29 -0.46 11.37 0.56
CA ASN B 29 -0.76 11.41 -0.86
C ASN B 29 0.52 11.68 -1.64
N VAL B 30 0.81 10.81 -2.60
CA VAL B 30 1.98 10.94 -3.46
C VAL B 30 1.47 11.34 -4.84
N LEU B 31 1.79 12.58 -5.24
CA LEU B 31 1.40 13.10 -6.53
C LEU B 31 2.58 12.98 -7.49
N VAL B 32 2.29 12.54 -8.71
CA VAL B 32 3.25 12.54 -9.80
C VAL B 32 2.65 13.37 -10.92
N ASN B 33 3.36 14.42 -11.32
CA ASN B 33 2.84 15.40 -12.28
C ASN B 33 1.48 15.92 -11.86
N ASN B 34 1.37 16.25 -10.56
CA ASN B 34 0.21 16.88 -9.95
C ASN B 34 -1.03 15.99 -9.97
N GLU B 35 -0.86 14.67 -10.10
CA GLU B 35 -1.98 13.74 -10.00
C GLU B 35 -1.63 12.64 -9.02
N THR B 36 -2.60 12.28 -8.17
CA THR B 36 -2.36 11.25 -7.17
C THR B 36 -1.96 9.94 -7.85
N ALA B 37 -0.82 9.39 -7.44
CA ALA B 37 -0.33 8.12 -7.93
C ALA B 37 -0.33 7.03 -6.87
N ALA B 38 -0.35 7.39 -5.59
CA ALA B 38 -0.46 6.41 -4.52
C ALA B 38 -1.03 7.13 -3.30
N THR B 39 -1.82 6.40 -2.52
CA THR B 39 -2.40 6.94 -1.30
C THR B 39 -2.19 5.94 -0.18
N PHE B 40 -1.61 6.40 0.92
CA PHE B 40 -1.41 5.60 2.12
C PHE B 40 -2.20 6.19 3.26
N SER B 41 -2.68 5.31 4.14
CA SER B 41 -3.40 5.73 5.33
C SER B 41 -3.19 4.70 6.43
N GLY B 42 -2.71 5.13 7.58
CA GLY B 42 -2.47 4.21 8.68
C GLY B 42 -2.14 4.97 9.94
N GLN B 43 -2.05 4.24 11.04
CA GLN B 43 -1.76 4.80 12.35
C GLN B 43 -0.77 3.90 13.08
N SER B 44 0.25 4.52 13.66
CA SER B 44 1.24 3.81 14.45
C SER B 44 1.99 4.83 15.31
N THR B 45 2.35 4.41 16.52
CA THR B 45 3.33 5.14 17.33
C THR B 45 4.65 4.40 17.40
N ASN B 46 4.86 3.45 16.49
CA ASN B 46 5.98 2.53 16.54
C ASN B 46 6.71 2.44 15.21
N ASN B 47 6.60 3.48 14.37
CA ASN B 47 7.34 3.57 13.10
C ASN B 47 6.89 2.54 12.08
N ALA B 48 5.63 2.10 12.15
CA ALA B 48 5.15 1.10 11.20
C ALA B 48 5.18 1.65 9.78
N VAL B 49 5.54 0.79 8.84
CA VAL B 49 5.40 1.11 7.42
C VAL B 49 3.92 1.07 7.07
N ILE B 50 3.31 2.23 6.85
CA ILE B 50 1.91 2.25 6.46
C ILE B 50 1.73 2.08 4.96
N GLY B 51 2.81 2.19 4.18
CA GLY B 51 2.75 1.93 2.75
C GLY B 51 4.11 1.96 2.09
N THR B 52 4.32 1.12 1.08
CA THR B 52 5.54 1.21 0.28
C THR B 52 5.24 0.72 -1.13
N GLN B 53 5.63 1.50 -2.14
CA GLN B 53 5.25 1.20 -3.52
C GLN B 53 6.36 1.62 -4.46
N VAL B 54 6.36 1.02 -5.65
CA VAL B 54 7.19 1.48 -6.76
C VAL B 54 6.31 2.30 -7.70
N LEU B 55 6.73 3.53 -7.95
CA LEU B 55 6.06 4.45 -8.87
C LEU B 55 7.02 4.85 -9.99
N ASN B 56 6.47 5.49 -11.01
CA ASN B 56 7.23 6.01 -12.14
C ASN B 56 7.12 7.53 -12.14
N SER B 57 8.25 8.21 -12.27
CA SER B 57 8.28 9.66 -12.18
C SER B 57 7.62 10.35 -13.36
N GLY B 58 7.33 9.62 -14.45
CA GLY B 58 6.56 10.17 -15.54
C GLY B 58 7.33 11.21 -16.35
N SER B 59 6.59 11.85 -17.26
CA SER B 59 7.20 12.76 -18.23
C SER B 59 7.81 13.98 -17.55
N SER B 60 7.22 14.45 -16.45
CA SER B 60 7.66 15.68 -15.80
C SER B 60 8.70 15.44 -14.72
N GLY B 61 8.72 14.25 -14.11
CA GLY B 61 9.61 14.00 -13.00
C GLY B 61 9.20 14.64 -11.70
N LYS B 62 8.10 15.39 -11.68
CA LYS B 62 7.70 16.10 -10.46
C LYS B 62 6.99 15.15 -9.53
N VAL B 63 7.52 14.99 -8.31
CA VAL B 63 6.91 14.18 -7.27
C VAL B 63 6.62 15.08 -6.08
N GLN B 64 5.41 15.00 -5.55
CA GLN B 64 5.04 15.79 -4.38
C GLN B 64 4.42 14.88 -3.33
N VAL B 65 4.85 15.06 -2.09
CA VAL B 65 4.34 14.34 -0.94
C VAL B 65 3.46 15.29 -0.14
N GLN B 66 2.22 14.89 0.12
CA GLN B 66 1.31 15.61 1.00
C GLN B 66 0.94 14.73 2.17
N VAL B 67 0.88 15.33 3.36
CA VAL B 67 0.51 14.61 4.57
C VAL B 67 -0.61 15.37 5.26
N SER B 68 -1.66 14.65 5.67
CA SER B 68 -2.74 15.28 6.40
C SER B 68 -3.23 14.35 7.50
N VAL B 69 -3.77 14.95 8.55
CA VAL B 69 -4.33 14.23 9.69
C VAL B 69 -5.72 14.79 9.93
N ASN B 70 -6.73 13.93 9.83
CA ASN B 70 -8.13 14.34 9.95
C ASN B 70 -8.42 15.53 9.04
N GLY B 71 -7.94 15.44 7.80
CA GLY B 71 -8.20 16.45 6.79
C GLY B 71 -7.41 17.73 6.90
N ARG B 72 -6.51 17.84 7.85
CA ARG B 72 -5.73 19.06 7.98
C ARG B 72 -4.28 18.82 7.61
N PRO B 73 -3.71 19.64 6.74
CA PRO B 73 -2.34 19.40 6.28
C PRO B 73 -1.34 19.56 7.41
N SER B 74 -0.40 18.63 7.48
CA SER B 74 0.71 18.74 8.41
C SER B 74 1.78 19.65 7.84
N ASP B 75 2.56 20.26 8.74
CA ASP B 75 3.73 21.03 8.34
C ASP B 75 4.85 20.09 7.92
N LEU B 76 5.45 20.35 6.77
CA LEU B 76 6.45 19.44 6.20
C LEU B 76 7.85 20.03 6.30
N VAL B 77 8.84 19.12 6.40
CA VAL B 77 10.24 19.44 6.20
C VAL B 77 10.79 18.41 5.23
N SER B 78 11.72 18.84 4.37
CA SER B 78 12.19 17.90 3.36
C SER B 78 13.58 18.29 2.88
N ALA B 79 14.26 17.33 2.25
CA ALA B 79 15.54 17.57 1.58
C ALA B 79 15.82 16.38 0.68
N GLN B 80 16.74 16.57 -0.26
CA GLN B 80 17.22 15.48 -1.10
C GLN B 80 18.72 15.31 -0.88
N VAL B 81 19.16 14.06 -0.80
CA VAL B 81 20.57 13.73 -0.60
C VAL B 81 20.99 12.74 -1.67
N ILE B 82 22.17 12.96 -2.24
CA ILE B 82 22.72 12.11 -3.29
C ILE B 82 24.07 11.59 -2.82
N LEU B 83 24.22 10.27 -2.83
CA LEU B 83 25.47 9.60 -2.47
C LEU B 83 26.13 9.06 -3.73
N THR B 84 27.46 9.17 -3.76
CA THR B 84 28.33 8.80 -4.88
C THR B 84 27.71 9.16 -6.23
N ASN B 85 27.05 10.32 -6.28
CA ASN B 85 26.55 10.92 -7.51
C ASN B 85 25.53 10.03 -8.23
N GLU B 86 24.89 9.11 -7.51
CA GLU B 86 24.08 8.08 -8.15
C GLU B 86 22.89 7.68 -7.31
N LEU B 87 23.07 7.54 -6.01
CA LEU B 87 22.04 7.01 -5.11
C LEU B 87 21.30 8.17 -4.46
N ASN B 88 19.99 8.26 -4.73
CA ASN B 88 19.19 9.41 -4.36
C ASN B 88 18.20 9.05 -3.26
N PHE B 89 18.10 9.94 -2.26
CA PHE B 89 17.06 9.89 -1.24
C PHE B 89 16.35 11.23 -1.23
N ALA B 90 15.02 11.21 -1.32
CA ALA B 90 14.21 12.39 -1.06
C ALA B 90 13.43 12.12 0.23
N LEU B 91 13.58 13.02 1.20
CA LEU B 91 13.19 12.76 2.57
C LEU B 91 12.16 13.78 3.02
N VAL B 92 11.12 13.31 3.71
CA VAL B 92 10.07 14.19 4.20
C VAL B 92 9.77 13.84 5.66
N GLY B 93 9.66 14.87 6.50
CA GLY B 93 9.09 14.74 7.83
C GLY B 93 7.86 15.59 7.94
N SER B 94 7.00 15.32 8.91
CA SER B 94 5.77 16.09 9.04
C SER B 94 5.38 16.18 10.51
N GLU B 95 4.74 17.30 10.85
CA GLU B 95 4.29 17.56 12.22
C GLU B 95 2.79 17.81 12.20
N ASP B 96 2.04 17.03 12.98
CA ASP B 96 0.58 17.16 13.03
C ASP B 96 0.10 17.84 14.30
N GLY B 97 1.01 18.23 15.20
CA GLY B 97 0.59 18.83 16.45
C GLY B 97 1.54 19.89 16.95
N THR B 98 1.90 19.81 18.23
CA THR B 98 2.62 20.87 18.91
C THR B 98 4.02 20.50 19.38
N ASP B 99 4.37 19.21 19.44
CA ASP B 99 5.65 18.84 20.05
C ASP B 99 6.82 18.94 19.10
N ASN B 100 6.56 19.15 17.81
CA ASN B 100 7.60 19.40 16.82
C ASN B 100 8.66 18.29 16.78
N ASP B 101 8.22 17.03 16.87
CA ASP B 101 9.18 15.98 16.57
C ASP B 101 9.28 15.68 15.08
N TYR B 102 8.34 16.16 14.27
CA TYR B 102 8.39 16.07 12.81
C TYR B 102 8.55 14.64 12.29
N ASN B 103 8.10 13.67 13.08
CA ASN B 103 8.14 12.26 12.69
C ASN B 103 6.74 11.66 12.51
N ASP B 104 5.69 12.48 12.56
CA ASP B 104 4.35 11.92 12.67
C ASP B 104 4.00 11.10 11.44
N ALA B 105 4.37 11.59 10.27
CA ALA B 105 4.56 10.76 9.09
C ALA B 105 5.94 11.06 8.55
N VAL B 106 6.72 10.01 8.29
CA VAL B 106 8.04 10.13 7.67
C VAL B 106 7.96 9.43 6.32
N VAL B 107 8.38 10.12 5.26
CA VAL B 107 8.31 9.56 3.91
C VAL B 107 9.71 9.55 3.31
N VAL B 108 10.12 8.39 2.79
CA VAL B 108 11.41 8.21 2.15
C VAL B 108 11.17 7.80 0.71
N ILE B 109 11.75 8.54 -0.21
CA ILE B 109 11.72 8.25 -1.64
C ILE B 109 13.14 7.88 -2.06
N ASN B 110 13.30 6.78 -2.78
CA ASN B 110 14.65 6.36 -3.18
C ASN B 110 14.68 5.90 -4.62
N TRP B 111 15.78 6.23 -5.30
CA TRP B 111 16.02 5.79 -6.67
C TRP B 111 17.52 5.85 -6.92
N PRO B 112 18.04 5.09 -7.91
CA PRO B 112 17.33 4.18 -8.82
C PRO B 112 16.97 2.86 -8.15
N LEU B 113 16.11 2.09 -8.81
CA LEU B 113 15.70 0.78 -8.35
C LEU B 113 16.28 -0.30 -9.27
N GLY B 114 16.09 -1.55 -8.86
CA GLY B 114 16.43 -2.67 -9.70
C GLY B 114 17.85 -3.18 -9.58
N LYS C 1 7.08 -17.75 -15.92
CA LYS C 1 7.79 -16.80 -16.78
C LYS C 1 7.16 -16.70 -18.17
N DLY C 2 7.14 -15.48 -18.71
CA DLY C 2 6.67 -15.27 -20.07
C DLY C 2 5.20 -14.92 -20.06
O DLY C 2 4.63 -14.53 -19.04
CB DLY C 2 7.51 -14.18 -20.73
CG DLY C 2 8.92 -14.69 -20.99
CD DLY C 2 9.66 -13.89 -22.05
CE DLY C 2 10.88 -14.66 -22.52
NZ DLY C 2 11.80 -13.80 -23.30
N LEU C 3 4.56 -15.04 -21.22
CA LEU C 3 3.18 -14.62 -21.38
C LEU C 3 2.18 -15.48 -20.58
N DLE C 4 2.35 -16.79 -20.60
CA DLE C 4 1.44 -17.69 -19.89
CB DLE C 4 2.19 -18.71 -19.04
CG DLE C 4 3.30 -18.20 -18.12
CD1 DLE C 4 2.75 -17.19 -17.12
CD2 DLE C 4 3.97 -19.37 -17.42
C DLE C 4 0.53 -18.46 -20.83
O DLE C 4 0.91 -18.78 -21.95
N LYS C 5 -0.68 -18.78 -20.36
CA LYS C 5 -1.63 -19.52 -21.19
C LYS C 5 -1.99 -18.71 -22.43
N DLE C 6 -2.20 -19.40 -23.54
CA DLE C 6 -2.65 -18.73 -24.76
CB DLE C 6 -3.74 -19.57 -25.42
CG DLE C 6 -5.12 -19.43 -24.78
CD1 DLE C 6 -5.58 -17.99 -24.85
CD2 DLE C 6 -6.12 -20.37 -25.46
C DLE C 6 -1.53 -18.51 -25.76
O DLE C 6 -1.72 -17.83 -26.77
N LEU C 7 -0.36 -19.08 -25.50
CA LEU C 7 0.69 -19.13 -26.50
C LEU C 7 0.38 -20.33 -27.38
N DLY C 8 1.06 -20.43 -28.52
CA DLY C 8 0.92 -21.60 -29.38
C DLY C 8 -0.48 -21.71 -29.94
O DLY C 8 -1.04 -22.82 -30.06
CB DLY C 8 1.93 -21.52 -30.54
CG DLY C 8 1.84 -22.65 -31.55
CD DLY C 8 3.14 -23.43 -31.62
CE DLY C 8 3.18 -24.36 -32.82
NZ DLY C 8 4.19 -23.94 -33.83
N LEU C 9 -1.05 -20.57 -30.27
CA LEU C 9 -2.29 -20.55 -31.03
C LEU C 9 -1.99 -20.96 -32.47
N DLE C 10 -3.00 -21.46 -33.16
CA DLE C 10 -2.83 -21.79 -34.57
CB DLE C 10 -4.08 -21.43 -35.38
CG DLE C 10 -4.59 -19.99 -35.22
CD1 DLE C 10 -3.45 -19.00 -35.02
CD2 DLE C 10 -5.41 -19.61 -36.43
C DLE C 10 -2.49 -23.25 -34.76
O DLE C 10 -3.05 -24.12 -34.09
N LEU C 11 -1.58 -23.51 -35.70
CA LEU C 11 -1.20 -24.87 -36.06
C LEU C 11 -0.06 -25.40 -35.20
N NH2 C 12 1.10 -24.78 -35.32
N LYS D 1 -1.17 13.42 21.26
CA LYS D 1 -2.35 12.78 21.83
C LYS D 1 -3.49 13.79 21.94
N DLY D 2 -3.13 15.04 22.17
CA DLY D 2 -4.11 16.10 22.24
C DLY D 2 -3.81 17.04 23.39
O DLY D 2 -2.65 17.21 23.81
CB DLY D 2 -4.19 16.91 20.95
CG DLY D 2 -4.65 16.11 19.74
CD DLY D 2 -5.81 16.79 19.04
CE DLY D 2 -6.67 15.79 18.28
NZ DLY D 2 -7.84 16.45 17.64
N LEU D 3 -4.87 17.63 23.91
CA LEU D 3 -4.78 18.67 24.93
C LEU D 3 -4.23 18.13 26.25
N DLE D 4 -3.31 18.87 26.86
CA DLE D 4 -2.81 18.54 28.19
CB DLE D 4 -2.35 19.80 28.93
CG DLE D 4 -3.45 20.47 29.76
CD1 DLE D 4 -3.92 19.55 30.88
CD2 DLE D 4 -3.00 21.82 30.31
C DLE D 4 -1.76 17.44 28.20
O DLE D 4 -1.19 17.12 29.24
N LYS D 5 -1.51 16.85 27.03
CA LYS D 5 -0.70 15.63 26.95
C LYS D 5 0.59 15.83 26.17
N DLE D 6 1.70 16.00 26.89
CA DLE D 6 3.04 16.07 26.29
CB DLE D 6 4.12 16.27 27.36
CG DLE D 6 5.54 15.89 26.92
CD1 DLE D 6 6.56 16.20 28.01
CD2 DLE D 6 5.61 14.41 26.52
C DLE D 6 3.16 17.13 25.21
O DLE D 6 3.75 16.87 24.16
N LEU D 7 2.62 18.32 25.48
CA LEU D 7 2.54 19.39 24.49
C LEU D 7 3.91 19.72 23.89
N DLY D 8 4.90 19.89 24.75
CA DLY D 8 6.23 20.24 24.32
C DLY D 8 6.62 21.59 24.89
O DLY D 8 7.38 22.35 24.28
CB DLY D 8 7.24 19.16 24.69
CG DLY D 8 8.35 19.00 23.65
CD DLY D 8 8.63 17.53 23.33
CE DLY D 8 9.43 17.40 22.05
NZ DLY D 8 10.28 18.60 21.77
N LEU D 9 6.09 21.90 26.08
CA LEU D 9 6.34 23.19 26.73
C LEU D 9 7.65 23.21 27.51
N DLE D 10 7.96 22.09 28.14
CA DLE D 10 9.17 21.98 28.96
CB DLE D 10 9.57 20.52 29.11
CG DLE D 10 10.61 19.95 28.14
CD1 DLE D 10 10.56 20.65 26.80
CD2 DLE D 10 10.42 18.45 27.98
C DLE D 10 8.91 22.58 30.34
O DLE D 10 9.81 23.15 30.97
N LEU D 11 7.68 22.44 30.81
CA LEU D 11 7.30 22.95 32.11
C LEU D 11 7.29 21.83 33.13
N NH2 D 12 7.49 22.18 34.40
CA CA E . 1.95 -20.33 -10.72
CA CA F . 4.42 -19.16 -8.22
CA CA G . 4.44 15.47 16.44
CA CA H . 5.36 11.89 16.74
C1 ZDC I . 7.30 -18.35 -11.97
C1M ZDC I . 8.66 -17.90 -11.45
C2 ZDC I . 6.57 -19.28 -10.96
C3 ZDC I . 5.20 -19.61 -11.52
C4 ZDC I . 4.42 -18.38 -11.91
C5 ZDC I . 5.27 -17.65 -12.95
C6 ZDC I . 5.29 -18.03 -14.38
C7 ZDC I . 6.05 -17.03 -15.24
O2 ZDC I . 6.31 -18.55 -9.74
O3 ZDC I . 4.46 -20.26 -10.48
O4 ZDC I . 3.15 -18.82 -12.45
O5 ZDC I . 6.48 -17.20 -12.30
O7A ZDC I . 5.56 -15.94 -15.30
C1 ZDC J . 1.82 11.62 19.93
C1M ZDC J . 1.78 10.16 20.40
C2 ZDC J . 3.23 12.02 19.44
C3 ZDC J . 3.15 13.41 18.83
C4 ZDC J . 2.07 13.50 17.78
C5 ZDC J . 0.76 13.19 18.50
C6 ZDC J . -0.03 14.21 19.27
C7 ZDC J . -1.36 13.71 19.87
O2 ZDC J . 3.63 11.14 18.36
O3 ZDC J . 4.41 13.68 18.16
O4 ZDC J . 2.09 14.85 17.26
O5 ZDC J . 0.79 11.82 18.91
O7A ZDC J . -2.22 13.52 19.05
#